data_6XWH
#
_entry.id   6XWH
#
_cell.length_a   45.705
_cell.length_b   62.522
_cell.length_c   53.635
_cell.angle_alpha   90.000
_cell.angle_beta   104.840
_cell.angle_gamma   90.000
#
_symmetry.space_group_name_H-M   'P 1 21 1'
#
loop_
_entity.id
_entity.type
_entity.pdbx_description
1 polymer "Hoxb13 DR0 Response Element, 5'-3' strand"
2 polymer "Hoxb13 DR0 Response Element, 3'-5' strand"
3 polymer 'Retinoic acid receptor RXR-alpha'
4 non-polymer 'ZINC ION'
5 water water
#
loop_
_entity_poly.entity_id
_entity_poly.type
_entity_poly.pdbx_seq_one_letter_code
_entity_poly.pdbx_strand_id
1 'polydeoxyribonucleotide' (DG)(DA)(DA)(DG)(DG)(DT)(DC)(DA)(DA)(DG)(DG)(DC)(DC)(DA)(DA)(DG) A
2 'polydeoxyribonucleotide' (DC)(DT)(DT)(DG)(DG)(DC)(DC)(DT)(DT)(DG)(DA)(DC)(DC)(DT)(DT)(DC) B
3 'polypeptide(L)'
;GSHMFTKHICAICGDRSSGKHYGVYSCEGCKGFFKRTVRKDLTYTCRDNKDCLIDKRQRNRCQYCRYQKCLAMGMKREAV
QEERQRG
;
C,D
#
loop_
_chem_comp.id
_chem_comp.type
_chem_comp.name
_chem_comp.formula
DA DNA linking 2'-DEOXYADENOSINE-5'-MONOPHOSPHATE 'C10 H14 N5 O6 P'
DC DNA linking 2'-DEOXYCYTIDINE-5'-MONOPHOSPHATE 'C9 H14 N3 O7 P'
DG DNA linking 2'-DEOXYGUANOSINE-5'-MONOPHOSPHATE 'C10 H14 N5 O7 P'
DT DNA linking THYMIDINE-5'-MONOPHOSPHATE 'C10 H15 N2 O8 P'
ZN non-polymer 'ZINC ION' 'Zn 2'
#
# COMPACT_ATOMS: atom_id res chain seq x y z
N THR C 6 12.99 21.82 17.42
CA THR C 6 11.54 21.72 17.62
C THR C 6 10.89 20.63 16.72
N LYS C 7 9.55 20.44 16.84
CA LYS C 7 8.78 19.50 16.02
C LYS C 7 8.23 20.28 14.81
N HIS C 8 8.16 19.64 13.63
CA HIS C 8 7.68 20.30 12.42
C HIS C 8 6.61 19.51 11.74
N ILE C 9 5.81 20.16 10.89
CA ILE C 9 4.83 19.42 10.11
C ILE C 9 5.11 19.63 8.60
N CYS C 10 4.76 18.62 7.79
CA CYS C 10 4.98 18.66 6.34
C CYS C 10 4.33 19.91 5.73
N ALA C 11 5.09 20.67 4.95
CA ALA C 11 4.62 21.86 4.27
C ALA C 11 3.67 21.54 3.10
N ILE C 12 3.57 20.27 2.73
CA ILE C 12 2.73 19.87 1.60
C ILE C 12 1.37 19.26 2.07
N CYS C 13 1.30 18.56 3.23
CA CYS C 13 0.06 17.90 3.66
C CYS C 13 -0.23 17.99 5.17
N GLY C 14 0.67 18.56 5.95
CA GLY C 14 0.49 18.70 7.39
C GLY C 14 0.76 17.47 8.23
N ASP C 15 1.30 16.39 7.62
CA ASP C 15 1.68 15.17 8.34
C ASP C 15 2.93 15.51 9.16
N ARG C 16 3.42 14.60 10.05
CA ARG C 16 4.62 14.90 10.83
C ARG C 16 5.82 15.02 9.89
N SER C 17 6.74 15.96 10.18
CA SER C 17 7.94 16.13 9.37
C SER C 17 9.13 15.45 10.01
N SER C 18 9.73 14.53 9.24
CA SER C 18 10.91 13.74 9.58
C SER C 18 12.21 14.57 9.42
N GLY C 19 12.07 15.83 8.98
CA GLY C 19 13.12 16.81 8.74
C GLY C 19 12.86 17.60 7.46
N LYS C 20 13.90 18.25 6.89
CA LYS C 20 13.82 18.99 5.62
C LYS C 20 14.17 18.01 4.49
N HIS C 21 13.48 18.09 3.36
CA HIS C 21 13.66 17.19 2.21
C HIS C 21 13.47 18.00 0.96
N TYR C 22 14.54 18.11 0.18
CA TYR C 22 14.63 18.94 -1.02
C TYR C 22 14.32 20.42 -0.66
N GLY C 23 14.85 20.84 0.49
CA GLY C 23 14.78 22.21 1.02
C GLY C 23 13.56 22.57 1.82
N VAL C 24 12.56 21.71 1.78
CA VAL C 24 11.25 21.91 2.41
C VAL C 24 11.00 20.94 3.55
N TYR C 25 10.43 21.42 4.69
CA TYR C 25 10.01 20.52 5.78
C TYR C 25 8.89 19.64 5.25
N SER C 26 9.15 18.36 5.05
CA SER C 26 8.15 17.43 4.56
C SER C 26 8.16 16.14 5.33
N CYS C 27 7.13 15.31 5.09
CA CYS C 27 6.98 13.99 5.67
C CYS C 27 7.63 12.94 4.75
N GLU C 28 7.70 11.67 5.21
CA GLU C 28 8.26 10.58 4.43
C GLU C 28 7.48 10.31 3.13
N GLY C 29 6.19 10.60 3.14
CA GLY C 29 5.32 10.44 1.98
C GLY C 29 5.57 11.44 0.88
N CYS C 30 5.65 12.70 1.23
CA CYS C 30 5.84 13.77 0.24
C CYS C 30 7.25 13.77 -0.33
N LYS C 31 8.21 13.37 0.52
CA LYS C 31 9.62 13.16 0.25
C LYS C 31 9.72 12.05 -0.81
N GLY C 32 9.15 10.87 -0.52
CA GLY C 32 9.14 9.75 -1.44
C GLY C 32 8.54 10.10 -2.80
N PHE C 33 7.35 10.74 -2.78
CA PHE C 33 6.57 11.09 -3.94
C PHE C 33 7.31 12.00 -4.88
N PHE C 34 7.89 13.10 -4.35
CA PHE C 34 8.70 14.07 -5.10
C PHE C 34 9.90 13.35 -5.77
N LYS C 35 10.64 12.53 -5.01
CA LYS C 35 11.78 11.76 -5.54
C LYS C 35 11.34 10.94 -6.79
N ARG C 36 10.40 10.00 -6.64
CA ARG C 36 9.89 9.18 -7.77
C ARG C 36 9.32 10.00 -8.96
N THR C 37 8.80 11.23 -8.70
CA THR C 37 8.24 12.12 -9.73
C THR C 37 9.37 12.73 -10.57
N VAL C 38 10.36 13.37 -9.90
CA VAL C 38 11.52 14.01 -10.53
C VAL C 38 12.42 12.96 -11.23
N ARG C 39 12.64 11.79 -10.60
CA ARG C 39 13.49 10.70 -11.11
C ARG C 39 13.00 10.02 -12.39
N LYS C 40 11.70 9.68 -12.45
CA LYS C 40 11.06 9.05 -13.59
C LYS C 40 10.43 10.08 -14.56
N ASP C 41 10.70 11.40 -14.31
CA ASP C 41 10.22 12.58 -15.05
C ASP C 41 8.73 12.47 -15.39
N LEU C 42 7.96 12.03 -14.38
CA LEU C 42 6.53 11.77 -14.46
C LEU C 42 5.69 13.02 -14.64
N THR C 43 4.68 12.90 -15.51
CA THR C 43 3.71 13.95 -15.81
C THR C 43 2.29 13.46 -15.47
N TYR C 44 1.59 14.20 -14.59
CA TYR C 44 0.23 13.89 -14.14
C TYR C 44 -0.80 14.86 -14.73
N THR C 45 -2.08 14.52 -14.58
CA THR C 45 -3.19 15.31 -15.08
C THR C 45 -4.27 15.37 -14.02
N CYS C 46 -4.72 16.58 -13.64
CA CYS C 46 -5.79 16.70 -12.64
C CYS C 46 -7.17 16.41 -13.28
N ARG C 47 -7.97 15.56 -12.63
CA ARG C 47 -9.32 15.28 -13.12
C ARG C 47 -10.28 16.45 -12.80
N ASP C 48 -9.95 17.26 -11.76
CA ASP C 48 -10.72 18.45 -11.36
C ASP C 48 -10.07 19.70 -11.98
N ASN C 49 -10.28 20.91 -11.41
CA ASN C 49 -9.65 22.10 -11.97
C ASN C 49 -8.45 22.61 -11.15
N LYS C 50 -7.46 21.72 -10.94
CA LYS C 50 -6.14 21.94 -10.32
C LYS C 50 -6.15 22.71 -8.94
N ASP C 51 -7.19 22.47 -8.11
CA ASP C 51 -7.36 23.12 -6.80
C ASP C 51 -7.49 22.14 -5.61
N CYS C 52 -7.37 20.80 -5.87
CA CYS C 52 -7.51 19.68 -4.93
C CYS C 52 -6.85 19.93 -3.61
N LEU C 53 -7.53 19.60 -2.48
CA LEU C 53 -6.94 19.76 -1.15
C LEU C 53 -5.89 18.67 -0.90
N ILE C 54 -4.66 19.10 -0.52
CA ILE C 54 -3.57 18.17 -0.25
C ILE C 54 -3.27 18.16 1.25
N ASP C 55 -3.90 17.21 1.98
CA ASP C 55 -3.73 16.97 3.41
C ASP C 55 -3.35 15.50 3.69
N LYS C 56 -3.10 15.19 4.98
CA LYS C 56 -2.64 13.89 5.46
C LYS C 56 -3.42 12.68 4.92
N ARG C 57 -4.77 12.81 4.79
CA ARG C 57 -5.65 11.73 4.37
C ARG C 57 -6.24 11.85 2.96
N GLN C 58 -5.87 12.90 2.19
CA GLN C 58 -6.39 13.05 0.83
C GLN C 58 -5.31 13.32 -0.23
N ARG C 59 -4.04 12.99 0.04
CA ARG C 59 -2.91 13.28 -0.84
C ARG C 59 -2.71 12.32 -2.05
N ASN C 60 -3.21 11.08 -1.98
CA ASN C 60 -3.02 10.16 -3.11
C ASN C 60 -4.20 10.19 -4.10
N ARG C 61 -5.20 11.04 -3.81
CA ARG C 61 -6.39 11.26 -4.62
C ARG C 61 -6.08 12.04 -5.90
N CYS C 62 -5.04 12.90 -5.86
CA CYS C 62 -4.56 13.61 -7.03
C CYS C 62 -3.08 13.85 -6.97
N GLN C 63 -2.35 13.14 -7.84
CA GLN C 63 -0.90 13.19 -8.02
C GLN C 63 -0.45 14.50 -8.65
N TYR C 64 -1.27 15.08 -9.55
CA TYR C 64 -0.99 16.36 -10.23
C TYR C 64 -0.87 17.51 -9.20
N CYS C 65 -1.87 17.62 -8.32
CA CYS C 65 -1.96 18.64 -7.30
C CYS C 65 -0.95 18.45 -6.22
N ARG C 66 -0.69 17.20 -5.80
CA ARG C 66 0.33 16.93 -4.78
C ARG C 66 1.68 17.42 -5.26
N TYR C 67 2.02 17.12 -6.54
CA TYR C 67 3.26 17.56 -7.14
C TYR C 67 3.36 19.09 -7.23
N GLN C 68 2.25 19.76 -7.66
CA GLN C 68 2.15 21.21 -7.80
CA GLN C 68 2.24 21.21 -7.79
C GLN C 68 2.46 21.90 -6.46
N LYS C 69 1.90 21.36 -5.35
CA LYS C 69 2.10 21.91 -4.01
C LYS C 69 3.54 21.65 -3.53
N CYS C 70 4.22 20.61 -4.09
CA CYS C 70 5.64 20.32 -3.78
C CYS C 70 6.47 21.45 -4.35
N LEU C 71 6.12 21.94 -5.55
CA LEU C 71 6.87 23.00 -6.20
C LEU C 71 6.55 24.35 -5.58
N ALA C 72 5.25 24.68 -5.48
CA ALA C 72 4.74 25.92 -4.89
C ALA C 72 5.29 26.19 -3.49
N MET C 73 5.61 25.12 -2.74
CA MET C 73 6.13 25.18 -1.38
C MET C 73 7.65 25.25 -1.28
N GLY C 74 8.34 25.07 -2.43
CA GLY C 74 9.78 25.21 -2.53
C GLY C 74 10.67 23.98 -2.70
N MET C 75 10.12 22.80 -2.99
CA MET C 75 10.95 21.61 -3.17
C MET C 75 11.80 21.71 -4.40
N LYS C 76 13.09 21.32 -4.31
CA LYS C 76 14.01 21.50 -5.42
C LYS C 76 14.33 20.23 -6.23
N ARG C 77 13.90 20.20 -7.52
CA ARG C 77 14.14 19.14 -8.51
C ARG C 77 15.64 18.84 -8.62
N GLU C 78 16.47 19.89 -8.44
CA GLU C 78 17.93 19.91 -8.47
C GLU C 78 18.55 19.10 -7.32
N ALA C 79 17.81 18.95 -6.20
CA ALA C 79 18.27 18.23 -5.01
C ALA C 79 18.05 16.72 -5.16
N VAL C 80 17.08 16.32 -6.04
CA VAL C 80 16.81 14.92 -6.37
C VAL C 80 17.97 14.46 -7.27
N GLN C 81 18.78 13.56 -6.74
CA GLN C 81 19.96 12.97 -7.36
C GLN C 81 19.57 11.80 -8.28
N GLU C 82 20.58 11.14 -8.89
CA GLU C 82 20.40 9.99 -9.80
C GLU C 82 20.54 8.67 -9.02
N GLU C 83 19.97 7.59 -9.58
CA GLU C 83 19.99 6.23 -9.01
C GLU C 83 21.41 5.75 -8.65
N ARG C 84 21.60 5.23 -7.41
CA ARG C 84 22.90 4.68 -6.98
C ARG C 84 23.10 3.32 -7.68
N GLN C 85 23.93 3.31 -8.76
CA GLN C 85 24.21 2.13 -9.57
C GLN C 85 25.04 1.09 -8.81
N LYS D 7 11.38 -18.54 -6.43
CA LYS D 7 12.13 -18.43 -5.18
C LYS D 7 11.34 -19.05 -4.02
N HIS D 8 10.07 -18.65 -3.87
CA HIS D 8 9.17 -19.11 -2.82
C HIS D 8 7.79 -19.54 -3.33
N ILE D 9 7.06 -20.25 -2.46
CA ILE D 9 5.71 -20.74 -2.72
C ILE D 9 4.80 -20.29 -1.59
N CYS D 10 3.49 -20.17 -1.88
CA CYS D 10 2.46 -19.75 -0.95
C CYS D 10 2.28 -20.89 0.08
N ALA D 11 2.25 -20.54 1.37
CA ALA D 11 2.11 -21.54 2.41
C ALA D 11 0.66 -22.05 2.58
N ILE D 12 -0.27 -21.41 1.87
CA ILE D 12 -1.68 -21.71 1.93
C ILE D 12 -2.12 -22.48 0.70
N CYS D 13 -1.65 -22.11 -0.48
CA CYS D 13 -2.14 -22.84 -1.65
C CYS D 13 -1.05 -23.47 -2.54
N GLY D 14 0.21 -23.07 -2.40
CA GLY D 14 1.27 -23.65 -3.21
C GLY D 14 1.66 -22.88 -4.45
N ASP D 15 0.82 -21.89 -4.85
CA ASP D 15 1.08 -21.00 -5.98
C ASP D 15 2.37 -20.15 -5.68
N ARG D 16 2.93 -19.48 -6.71
CA ARG D 16 4.14 -18.66 -6.57
C ARG D 16 3.95 -17.55 -5.56
N SER D 17 4.91 -17.40 -4.64
CA SER D 17 4.87 -16.34 -3.64
C SER D 17 5.81 -15.22 -3.98
N SER D 18 5.24 -14.03 -3.98
CA SER D 18 5.87 -12.72 -4.23
C SER D 18 6.86 -12.37 -3.09
N GLY D 19 6.49 -12.79 -1.88
CA GLY D 19 7.17 -12.55 -0.60
C GLY D 19 6.16 -12.70 0.52
N LYS D 20 6.51 -12.26 1.74
CA LYS D 20 5.60 -12.35 2.90
C LYS D 20 4.50 -11.29 2.86
N HIS D 21 3.32 -11.69 3.36
CA HIS D 21 2.13 -10.86 3.55
C HIS D 21 1.46 -11.37 4.82
N TYR D 22 1.31 -10.48 5.82
CA TYR D 22 0.69 -10.72 7.14
C TYR D 22 1.44 -11.79 7.94
N GLY D 23 2.75 -11.87 7.71
CA GLY D 23 3.67 -12.81 8.35
C GLY D 23 4.01 -14.06 7.60
N VAL D 24 3.16 -14.45 6.65
CA VAL D 24 3.26 -15.70 5.87
C VAL D 24 3.69 -15.47 4.44
N TYR D 25 4.55 -16.34 3.88
CA TYR D 25 4.88 -16.29 2.46
C TYR D 25 3.59 -16.70 1.69
N SER D 26 3.04 -15.77 0.89
CA SER D 26 1.80 -16.02 0.14
C SER D 26 1.75 -15.41 -1.23
N CYS D 27 0.79 -15.86 -2.03
CA CYS D 27 0.52 -15.34 -3.36
C CYS D 27 -0.37 -14.09 -3.25
N GLU D 28 -0.53 -13.34 -4.36
CA GLU D 28 -1.39 -12.16 -4.38
C GLU D 28 -2.83 -12.51 -4.05
N GLY D 29 -3.30 -13.66 -4.55
CA GLY D 29 -4.63 -14.21 -4.29
C GLY D 29 -4.98 -14.35 -2.82
N CYS D 30 -4.13 -15.08 -2.09
CA CYS D 30 -4.30 -15.43 -0.68
C CYS D 30 -4.21 -14.21 0.23
N LYS D 31 -3.23 -13.32 -0.04
CA LYS D 31 -3.04 -12.02 0.59
C LYS D 31 -4.30 -11.15 0.41
N GLY D 32 -4.85 -11.07 -0.81
CA GLY D 32 -6.05 -10.31 -1.15
C GLY D 32 -7.30 -10.82 -0.45
N PHE D 33 -7.48 -12.17 -0.44
CA PHE D 33 -8.58 -12.88 0.19
C PHE D 33 -8.59 -12.68 1.71
N PHE D 34 -7.43 -12.82 2.37
CA PHE D 34 -7.30 -12.63 3.81
C PHE D 34 -7.56 -11.16 4.19
N LYS D 35 -7.02 -10.19 3.43
CA LYS D 35 -7.25 -8.76 3.67
C LYS D 35 -8.75 -8.45 3.69
N ARG D 36 -9.46 -8.81 2.60
CA ARG D 36 -10.90 -8.66 2.38
C ARG D 36 -11.78 -9.25 3.51
N THR D 37 -11.38 -10.42 4.05
CA THR D 37 -12.09 -11.18 5.10
C THR D 37 -11.96 -10.49 6.45
N VAL D 38 -10.75 -10.03 6.77
CA VAL D 38 -10.46 -9.34 8.01
C VAL D 38 -11.15 -7.96 7.94
N ARG D 39 -10.93 -7.22 6.83
CA ARG D 39 -11.50 -5.87 6.61
C ARG D 39 -13.01 -5.81 6.70
N LYS D 40 -13.70 -6.64 5.91
CA LYS D 40 -15.16 -6.63 5.89
C LYS D 40 -15.76 -7.46 7.02
N ASP D 41 -14.87 -8.19 7.76
CA ASP D 41 -15.20 -9.07 8.89
C ASP D 41 -16.22 -10.13 8.42
N LEU D 42 -15.82 -10.86 7.37
CA LEU D 42 -16.67 -11.87 6.74
C LEU D 42 -16.52 -13.21 7.43
N THR D 43 -17.58 -14.01 7.34
CA THR D 43 -17.69 -15.35 7.90
C THR D 43 -18.24 -16.23 6.79
N TYR D 44 -17.70 -17.44 6.66
CA TYR D 44 -18.13 -18.34 5.58
C TYR D 44 -18.63 -19.64 6.12
N THR D 45 -19.34 -20.37 5.31
CA THR D 45 -19.83 -21.68 5.71
C THR D 45 -19.29 -22.71 4.76
N CYS D 46 -18.80 -23.81 5.34
CA CYS D 46 -18.26 -24.91 4.60
C CYS D 46 -19.41 -25.81 4.20
N ARG D 47 -19.54 -26.05 2.89
CA ARG D 47 -20.56 -26.92 2.31
C ARG D 47 -20.17 -28.38 2.43
N ASP D 48 -18.95 -28.66 2.92
CA ASP D 48 -18.43 -30.01 3.07
C ASP D 48 -18.15 -30.36 4.53
N ASN D 49 -16.95 -30.89 4.82
CA ASN D 49 -16.60 -31.38 6.17
C ASN D 49 -15.41 -30.63 6.81
N LYS D 50 -15.28 -29.31 6.48
CA LYS D 50 -14.29 -28.34 6.95
C LYS D 50 -12.81 -28.79 6.74
N ASP D 51 -12.54 -29.51 5.62
CA ASP D 51 -11.20 -30.03 5.31
C ASP D 51 -10.91 -30.11 3.83
N CYS D 52 -11.44 -29.14 3.12
CA CYS D 52 -11.28 -28.97 1.70
C CYS D 52 -9.84 -28.70 1.34
N LEU D 53 -9.45 -29.24 0.17
CA LEU D 53 -8.15 -29.11 -0.44
C LEU D 53 -8.03 -27.68 -0.94
N ILE D 54 -7.02 -26.99 -0.44
CA ILE D 54 -6.73 -25.61 -0.81
C ILE D 54 -5.42 -25.68 -1.53
N ASP D 55 -5.47 -25.58 -2.85
CA ASP D 55 -4.34 -25.54 -3.77
C ASP D 55 -4.65 -24.54 -4.89
N LYS D 56 -3.73 -24.33 -5.85
CA LYS D 56 -3.98 -23.33 -6.89
C LYS D 56 -5.37 -23.48 -7.60
N ARG D 57 -5.73 -24.71 -7.97
CA ARG D 57 -6.96 -25.02 -8.71
C ARG D 57 -8.25 -25.00 -7.86
N GLN D 58 -8.15 -25.39 -6.58
CA GLN D 58 -9.25 -25.53 -5.64
C GLN D 58 -9.42 -24.40 -4.63
N ARG D 59 -8.52 -23.36 -4.60
CA ARG D 59 -8.59 -22.31 -3.57
C ARG D 59 -9.87 -21.51 -3.57
N ASN D 60 -10.53 -21.35 -4.72
CA ASN D 60 -11.79 -20.63 -4.72
C ASN D 60 -13.04 -21.55 -4.58
N ARG D 61 -12.84 -22.86 -4.26
CA ARG D 61 -13.98 -23.79 -4.13
C ARG D 61 -14.61 -23.70 -2.75
N CYS D 62 -13.81 -23.27 -1.74
CA CYS D 62 -14.25 -23.15 -0.36
C CYS D 62 -13.53 -22.06 0.39
N GLN D 63 -14.20 -20.92 0.54
CA GLN D 63 -13.69 -19.76 1.23
C GLN D 63 -13.49 -20.07 2.71
N TYR D 64 -14.43 -20.83 3.32
CA TYR D 64 -14.31 -21.19 4.73
C TYR D 64 -12.95 -21.81 4.98
N CYS D 65 -12.61 -22.90 4.24
CA CYS D 65 -11.36 -23.64 4.42
C CYS D 65 -10.16 -22.86 3.98
N ARG D 66 -10.32 -21.88 3.07
CA ARG D 66 -9.21 -21.02 2.64
C ARG D 66 -8.78 -20.05 3.74
N TYR D 67 -9.78 -19.41 4.38
CA TYR D 67 -9.54 -18.56 5.54
C TYR D 67 -8.91 -19.38 6.66
N GLN D 68 -9.49 -20.56 6.92
CA GLN D 68 -9.04 -21.54 7.92
C GLN D 68 -7.56 -21.89 7.73
N LYS D 69 -7.11 -22.09 6.45
CA LYS D 69 -5.71 -22.35 6.12
C LYS D 69 -4.86 -21.09 6.36
N CYS D 70 -5.31 -19.91 5.86
CA CYS D 70 -4.63 -18.62 6.09
C CYS D 70 -4.22 -18.48 7.56
N LEU D 71 -5.20 -18.57 8.49
CA LEU D 71 -4.98 -18.48 9.94
C LEU D 71 -4.01 -19.56 10.47
N ALA D 72 -4.27 -20.83 10.13
CA ALA D 72 -3.46 -21.97 10.55
C ALA D 72 -1.99 -21.87 10.10
N MET D 73 -1.72 -21.23 8.95
CA MET D 73 -0.38 -21.08 8.40
C MET D 73 0.36 -19.85 8.96
N GLY D 74 -0.35 -19.06 9.79
CA GLY D 74 0.20 -17.93 10.52
C GLY D 74 -0.17 -16.54 10.06
N MET D 75 -1.26 -16.39 9.29
CA MET D 75 -1.67 -15.09 8.82
C MET D 75 -2.25 -14.28 9.98
N LYS D 76 -1.74 -13.05 10.16
CA LYS D 76 -2.08 -12.18 11.28
C LYS D 76 -3.14 -11.17 10.94
N ARG D 77 -4.27 -11.25 11.65
CA ARG D 77 -5.42 -10.36 11.46
C ARG D 77 -5.07 -8.89 11.80
N GLU D 78 -4.12 -8.70 12.75
CA GLU D 78 -3.68 -7.39 13.25
C GLU D 78 -2.84 -6.61 12.25
N ALA D 79 -2.17 -7.32 11.31
CA ALA D 79 -1.33 -6.69 10.28
C ALA D 79 -2.16 -6.06 9.14
N VAL D 80 -3.49 -6.34 9.13
CA VAL D 80 -4.47 -5.81 8.18
C VAL D 80 -4.96 -4.47 8.73
N GLN D 81 -4.39 -3.37 8.19
CA GLN D 81 -4.69 -1.98 8.56
C GLN D 81 -6.11 -1.59 8.17
N GLU D 82 -6.64 -0.53 8.81
CA GLU D 82 -8.01 -0.03 8.61
C GLU D 82 -8.27 0.58 7.21
N GLU D 83 -9.58 0.59 6.79
CA GLU D 83 -10.07 1.13 5.52
C GLU D 83 -9.85 2.65 5.43
N ARG D 84 -9.55 3.15 4.21
CA ARG D 84 -9.29 4.57 3.89
C ARG D 84 -10.39 5.53 4.35
ZN ZN E . 3.49 15.37 3.47
ZN ZN F . -6.00 17.81 -8.82
ZN ZN G . -2.00 -18.81 -2.25
ZN ZN H . -14.62 -26.47 3.14
#